data_6TKU
#
_entry.id   6TKU
#
_cell.length_a   71.726
_cell.length_b   71.726
_cell.length_c   208.197
_cell.angle_alpha   90.000
_cell.angle_beta   90.000
_cell.angle_gamma   120.000
#
_symmetry.space_group_name_H-M   'P 3 2 1'
#
loop_
_entity.id
_entity.type
_entity.pdbx_description
1 polymer 'depolymerase KP32gp38'
2 water water
#
_entity_poly.entity_id   1
_entity_poly.type   'polypeptide(L)'
_entity_poly.pdbx_seq_one_letter_code
;(MSE)LDNFNQPKGSTIGVLKDGRTIQEAFDSLPRLESFSGSTATDKLRAAITLGVSEVAIGPVEGNGGRPYEFGDVVIP
YPLRIVGCGSQGINVTKGTVLKRSAGASF(MSE)FHFTGEGQAQRP(MSE)GGGLFNINLNGDTATALGDIIKVTQWSYF
KANNCAFQN(MSE)AGWGIRLKDV(MSE)ESNISGNLFRRLGGPSGGGILFDDVRSAVTDNVNNLHIEDNTFAL(MSE)S
GPWIGSTANSNPDLIWIVRNKFEFDGTPAAPNTVDSYVLDFQQLSRAFIQDNGFTHFTTERNRYVGVLRVGATAVGTIKF
EDNLLFACESAGLIAGGIVVSRGNVNNQGSATTAIKQFTNTSSKLCKLERVINVQSNGNVSVGQQILPDGYIN(MSE)AE
LPGNTRLPSEYDADGETTSVLRVPANTQVRQWSVPK(MSE)YKDGLTVTKVTVRAKGAAAGAILSLQSGSTVLSTKSIDA
GVWKNYVFYVKANQLQETLQLRNTGTADVLADG(MSE)VFGKVDYIDWDFAIAPGTLAAGAKYTTPNQSYLDVAG(MSE)
RVQAVSIP(MSE)FDGPTTGLQVWVEATSANGSFVVV(MSE)KNDTGSELVTTVTRCRVRAFVSKGHHHHHH
;
_entity_poly.pdbx_strand_id   A
#
# COMPACT_ATOMS: atom_id res chain seq x y z
N SER A 34 31.68 40.84 -13.85
CA SER A 34 31.36 42.29 -13.75
C SER A 34 31.22 42.73 -12.30
N PHE A 35 31.83 42.01 -11.35
CA PHE A 35 31.88 42.32 -9.90
C PHE A 35 33.33 42.12 -9.40
N SER A 36 33.65 42.76 -8.27
CA SER A 36 35.05 42.97 -7.79
C SER A 36 35.42 41.90 -6.75
N GLY A 37 36.51 41.17 -6.97
CA GLY A 37 37.11 40.29 -5.94
C GLY A 37 38.17 39.35 -6.50
N SER A 38 39.02 38.81 -5.62
CA SER A 38 40.13 37.88 -5.94
C SER A 38 39.59 36.66 -6.70
N THR A 39 38.72 35.86 -6.06
CA THR A 39 38.13 34.60 -6.62
C THR A 39 36.63 34.76 -6.90
N ALA A 40 36.07 33.76 -7.60
CA ALA A 40 34.63 33.69 -7.98
C ALA A 40 33.75 33.73 -6.71
N THR A 41 34.14 33.01 -5.65
CA THR A 41 33.45 33.03 -4.32
C THR A 41 33.25 34.49 -3.89
N ASP A 42 34.29 35.33 -4.02
CA ASP A 42 34.31 36.75 -3.61
C ASP A 42 33.55 37.58 -4.66
N LYS A 43 33.86 37.38 -5.95
CA LYS A 43 33.19 38.07 -7.08
C LYS A 43 31.66 38.00 -6.88
N LEU A 44 31.13 36.79 -6.63
CA LEU A 44 29.68 36.50 -6.51
C LEU A 44 29.08 37.14 -5.24
N ARG A 45 29.79 37.08 -4.11
CA ARG A 45 29.31 37.64 -2.81
C ARG A 45 29.04 39.14 -2.94
N ALA A 46 29.78 39.86 -3.78
CA ALA A 46 29.58 41.31 -4.04
C ALA A 46 28.16 41.54 -4.55
N ALA A 47 27.76 40.76 -5.56
CA ALA A 47 26.40 40.72 -6.15
C ALA A 47 25.33 40.56 -5.06
N ILE A 48 25.57 39.64 -4.11
CA ILE A 48 24.60 39.30 -3.03
C ILE A 48 24.48 40.50 -2.07
N THR A 49 25.62 41.04 -1.58
CA THR A 49 25.66 42.24 -0.70
C THR A 49 24.94 43.39 -1.41
N LEU A 50 25.22 43.63 -2.70
CA LEU A 50 24.51 44.64 -3.55
C LEU A 50 23.04 44.24 -3.71
N GLY A 51 22.73 42.93 -3.73
CA GLY A 51 21.37 42.37 -3.70
C GLY A 51 20.71 42.35 -5.07
N VAL A 52 21.50 42.03 -6.11
CA VAL A 52 21.02 41.95 -7.53
C VAL A 52 20.07 40.75 -7.66
N SER A 53 19.02 40.94 -8.47
CA SER A 53 17.94 39.96 -8.73
C SER A 53 18.40 38.79 -9.60
N GLU A 54 19.14 39.06 -10.68
CA GLU A 54 19.61 37.97 -11.57
C GLU A 54 21.12 38.08 -11.78
N VAL A 55 21.85 36.97 -11.72
CA VAL A 55 23.33 36.99 -11.90
C VAL A 55 23.72 36.03 -13.03
N ALA A 56 23.70 36.50 -14.27
CA ALA A 56 24.06 35.64 -15.42
C ALA A 56 25.49 35.14 -15.28
N ILE A 57 25.72 33.90 -15.70
CA ILE A 57 27.07 33.27 -15.67
C ILE A 57 27.31 32.68 -17.05
N GLY A 58 28.56 32.73 -17.54
CA GLY A 58 28.92 32.31 -18.90
C GLY A 58 29.57 30.94 -18.97
N PRO A 59 29.95 30.50 -20.18
CA PRO A 59 30.49 29.16 -20.44
C PRO A 59 31.99 28.94 -20.19
N VAL A 60 32.51 27.79 -20.63
CA VAL A 60 33.91 27.41 -20.29
C VAL A 60 34.87 28.12 -21.27
N GLU A 61 34.31 28.92 -22.16
CA GLU A 61 35.10 29.63 -23.19
C GLU A 61 35.66 30.90 -22.54
N GLY A 62 34.80 31.68 -21.88
CA GLY A 62 35.16 32.95 -21.23
C GLY A 62 35.95 32.82 -19.94
N ASN A 63 36.31 31.60 -19.53
CA ASN A 63 37.19 31.31 -18.37
C ASN A 63 38.18 30.27 -18.85
N GLY A 64 38.36 30.22 -20.19
CA GLY A 64 39.33 29.36 -20.89
C GLY A 64 39.44 27.87 -20.69
N GLY A 65 38.32 27.15 -20.80
CA GLY A 65 38.29 25.67 -20.77
C GLY A 65 37.88 25.24 -19.37
N ARG A 66 37.93 26.13 -18.37
CA ARG A 66 37.92 25.77 -16.92
C ARG A 66 36.62 26.24 -16.27
N PRO A 67 36.08 25.48 -15.29
CA PRO A 67 34.83 25.85 -14.62
C PRO A 67 34.99 26.74 -13.38
N TYR A 68 34.22 27.82 -13.31
CA TYR A 68 34.17 28.70 -12.11
C TYR A 68 33.99 27.83 -10.86
N GLU A 69 34.89 27.95 -9.89
CA GLU A 69 34.87 27.15 -8.64
C GLU A 69 34.21 27.98 -7.54
N PHE A 70 33.29 27.38 -6.79
CA PHE A 70 32.64 28.09 -5.65
C PHE A 70 32.70 27.21 -4.40
N GLY A 71 32.48 27.82 -3.25
CA GLY A 71 32.50 27.10 -1.97
C GLY A 71 31.80 27.94 -0.92
N ASP A 72 31.19 27.28 0.07
CA ASP A 72 30.44 27.88 1.20
C ASP A 72 29.83 29.26 0.91
N VAL A 73 29.03 29.42 -0.15
CA VAL A 73 28.35 30.73 -0.43
C VAL A 73 26.96 30.73 0.22
N VAL A 74 26.58 31.84 0.87
CA VAL A 74 25.26 31.92 1.54
C VAL A 74 24.38 32.91 0.78
N ILE A 75 23.15 32.52 0.47
CA ILE A 75 22.22 33.34 -0.36
C ILE A 75 20.94 33.57 0.46
N PRO A 76 20.71 34.75 1.07
CA PRO A 76 19.55 34.96 1.95
C PRO A 76 18.31 35.62 1.34
N TYR A 77 18.34 35.76 0.01
CA TYR A 77 17.26 36.36 -0.82
C TYR A 77 17.10 35.58 -2.13
N PRO A 78 15.90 35.57 -2.74
CA PRO A 78 15.63 34.80 -3.95
C PRO A 78 16.45 35.23 -5.16
N LEU A 79 17.68 34.71 -5.28
CA LEU A 79 18.53 35.12 -6.42
C LEU A 79 18.52 34.08 -7.54
N ARG A 80 18.20 34.51 -8.75
CA ARG A 80 18.32 33.66 -9.97
C ARG A 80 19.79 33.59 -10.38
N ILE A 81 20.28 32.42 -10.81
CA ILE A 81 21.67 32.23 -11.34
C ILE A 81 21.55 31.62 -12.74
N VAL A 82 21.28 32.42 -13.77
CA VAL A 82 21.10 31.90 -15.16
C VAL A 82 22.44 31.38 -15.66
N GLY A 83 22.41 30.49 -16.65
CA GLY A 83 23.58 29.84 -17.26
C GLY A 83 23.36 29.77 -18.75
N CYS A 84 24.31 29.22 -19.50
CA CYS A 84 24.23 28.99 -20.96
C CYS A 84 24.67 27.55 -21.19
N GLY A 85 24.48 26.71 -20.15
CA GLY A 85 24.83 25.29 -20.13
C GLY A 85 23.60 24.39 -20.28
N SER A 86 23.76 23.11 -19.99
CA SER A 86 22.80 22.04 -20.42
C SER A 86 22.72 20.94 -19.36
N GLN A 87 21.55 20.28 -19.29
CA GLN A 87 21.43 18.94 -18.67
C GLN A 87 22.38 18.05 -19.45
N GLY A 88 23.38 17.47 -18.78
CA GLY A 88 24.38 16.60 -19.43
C GLY A 88 25.51 16.23 -18.49
N ILE A 89 26.35 15.28 -18.90
CA ILE A 89 27.49 14.73 -18.11
C ILE A 89 28.73 15.62 -18.35
N ASN A 90 28.92 16.01 -19.61
CA ASN A 90 30.17 16.58 -20.17
C ASN A 90 30.35 18.02 -19.67
N VAL A 91 31.61 18.48 -19.62
CA VAL A 91 32.01 19.74 -18.94
C VAL A 91 32.78 20.66 -19.91
N THR A 92 32.67 20.42 -21.22
CA THR A 92 33.50 21.05 -22.28
C THR A 92 32.69 22.00 -23.18
N LYS A 93 31.47 22.41 -22.84
CA LYS A 93 30.65 23.19 -23.82
C LYS A 93 29.50 23.97 -23.20
N GLY A 94 29.65 24.55 -22.01
CA GLY A 94 28.70 25.58 -21.54
C GLY A 94 28.99 25.91 -20.09
N THR A 95 28.10 26.66 -19.42
CA THR A 95 28.29 26.97 -17.97
C THR A 95 28.60 25.65 -17.26
N VAL A 96 29.67 25.63 -16.46
CA VAL A 96 30.07 24.48 -15.61
C VAL A 96 30.61 25.00 -14.29
N LEU A 97 30.24 24.38 -13.17
CA LEU A 97 30.65 24.83 -11.81
C LEU A 97 31.21 23.65 -11.03
N LYS A 98 32.38 23.86 -10.39
CA LYS A 98 33.03 22.88 -9.49
C LYS A 98 32.89 23.40 -8.06
N ARG A 99 32.87 22.53 -7.06
CA ARG A 99 33.01 22.96 -5.65
C ARG A 99 34.50 23.12 -5.34
N SER A 100 34.85 24.03 -4.43
CA SER A 100 36.23 24.32 -3.97
C SER A 100 36.72 23.22 -3.01
N ALA A 101 38.04 22.98 -2.98
CA ALA A 101 38.72 21.74 -2.57
C ALA A 101 38.25 21.17 -1.21
N GLY A 102 37.84 22.01 -0.24
CA GLY A 102 37.43 21.54 1.09
C GLY A 102 36.11 22.14 1.57
N ALA A 103 35.33 22.71 0.64
CA ALA A 103 34.02 23.36 0.92
C ALA A 103 33.00 22.32 1.40
N SER A 104 32.15 22.69 2.39
CA SER A 104 31.02 21.88 2.92
C SER A 104 29.87 21.85 1.90
N PHE A 105 29.58 23.01 1.29
CA PHE A 105 28.55 23.18 0.24
C PHE A 105 29.06 24.13 -0.84
N MSE A 106 28.34 24.22 -1.95
CA MSE A 106 28.66 25.15 -3.07
C MSE A 106 27.77 26.38 -2.88
O MSE A 106 28.31 27.49 -2.83
CB MSE A 106 28.37 24.50 -4.42
CG MSE A 106 29.17 25.09 -5.54
SE MSE A 106 28.43 24.92 -7.31
CE MSE A 106 29.54 23.74 -8.35
N PHE A 107 26.46 26.17 -2.84
CA PHE A 107 25.52 27.22 -2.50
C PHE A 107 24.67 26.73 -1.33
N HIS A 108 24.17 27.66 -0.51
CA HIS A 108 23.16 27.38 0.53
C HIS A 108 22.11 28.49 0.51
N PHE A 109 21.07 28.29 -0.29
CA PHE A 109 19.90 29.20 -0.40
C PHE A 109 19.11 29.06 0.91
N THR A 110 19.32 29.94 1.89
CA THR A 110 18.65 29.87 3.21
C THR A 110 17.98 31.20 3.55
N GLY A 111 16.92 31.12 4.38
CA GLY A 111 16.16 32.25 4.95
C GLY A 111 16.21 32.21 6.46
N GLU A 112 17.15 31.45 7.02
CA GLU A 112 17.42 31.39 8.49
C GLU A 112 17.75 32.80 9.00
N GLY A 113 17.12 33.22 10.10
CA GLY A 113 17.36 34.52 10.74
C GLY A 113 16.71 35.67 9.99
N GLN A 114 16.31 35.46 8.73
CA GLN A 114 15.70 36.50 7.87
C GLN A 114 14.31 36.84 8.44
N ALA A 115 13.73 37.97 8.03
CA ALA A 115 12.46 38.50 8.57
C ALA A 115 11.36 38.41 7.50
N GLN A 116 11.76 38.31 6.22
CA GLN A 116 10.87 37.97 5.08
C GLN A 116 11.40 36.69 4.44
N ARG A 117 10.63 35.58 4.46
CA ARG A 117 11.00 34.28 3.84
C ARG A 117 11.42 34.52 2.39
N PRO A 118 12.59 34.02 1.94
CA PRO A 118 12.93 34.06 0.52
C PRO A 118 11.96 33.22 -0.32
N MSE A 119 11.52 33.80 -1.45
CA MSE A 119 10.51 33.19 -2.31
C MSE A 119 10.89 33.41 -3.77
O MSE A 119 10.44 34.39 -4.37
CB MSE A 119 9.14 33.78 -2.00
CG MSE A 119 8.66 33.38 -0.63
SE MSE A 119 6.77 33.73 -0.33
CE MSE A 119 6.46 32.94 1.44
N GLY A 120 11.71 32.51 -4.32
CA GLY A 120 11.95 32.47 -5.75
C GLY A 120 13.37 32.07 -6.10
N GLY A 121 13.78 32.34 -7.35
CA GLY A 121 15.14 32.11 -7.86
C GLY A 121 15.54 30.65 -7.90
N GLY A 122 16.83 30.39 -8.12
CA GLY A 122 17.44 29.05 -8.20
C GLY A 122 18.42 28.94 -9.35
N LEU A 123 18.71 27.70 -9.77
CA LEU A 123 19.75 27.32 -10.74
C LEU A 123 19.10 26.97 -12.08
N PHE A 124 19.62 27.52 -13.18
CA PHE A 124 19.08 27.34 -14.56
C PHE A 124 20.23 27.13 -15.55
N ASN A 125 20.29 25.97 -16.19
CA ASN A 125 21.15 25.70 -17.37
C ASN A 125 22.63 25.58 -16.92
N ILE A 126 22.89 24.86 -15.81
CA ILE A 126 24.21 24.84 -15.10
C ILE A 126 24.63 23.39 -14.80
N ASN A 127 25.85 22.98 -15.18
CA ASN A 127 26.41 21.62 -14.93
C ASN A 127 27.21 21.66 -13.62
N LEU A 128 26.52 21.55 -12.48
CA LEU A 128 27.13 21.62 -11.12
C LEU A 128 27.88 20.32 -10.82
N ASN A 129 28.93 20.42 -10.01
CA ASN A 129 29.94 19.34 -9.81
C ASN A 129 30.55 19.45 -8.41
N GLY A 130 31.07 18.34 -7.91
CA GLY A 130 31.80 18.31 -6.64
C GLY A 130 33.30 18.48 -6.90
N ASP A 131 34.10 18.70 -5.85
CA ASP A 131 35.56 18.92 -6.01
C ASP A 131 36.23 17.61 -6.39
N THR A 132 35.91 16.53 -5.66
CA THR A 132 36.45 15.17 -5.95
C THR A 132 35.28 14.17 -6.00
N ALA A 133 35.56 12.96 -6.44
CA ALA A 133 34.51 11.91 -6.59
C ALA A 133 34.18 11.28 -5.25
N THR A 134 34.93 11.62 -4.20
CA THR A 134 34.68 11.07 -2.84
C THR A 134 34.42 12.21 -1.88
N ALA A 135 34.28 13.44 -2.40
CA ALA A 135 34.02 14.56 -1.47
C ALA A 135 32.67 14.31 -0.76
N LEU A 136 32.57 14.53 0.55
CA LEU A 136 31.29 14.36 1.29
C LEU A 136 30.53 15.70 1.33
N GLY A 137 29.69 15.90 2.35
CA GLY A 137 28.88 17.14 2.47
C GLY A 137 27.74 17.20 1.45
N ASP A 138 27.43 18.39 0.94
CA ASP A 138 26.36 18.58 -0.06
C ASP A 138 26.88 19.36 -1.26
N ILE A 139 26.06 19.56 -2.29
CA ILE A 139 26.37 20.47 -3.44
C ILE A 139 25.50 21.71 -3.26
N ILE A 140 24.17 21.53 -3.19
CA ILE A 140 23.17 22.59 -2.89
C ILE A 140 22.50 22.24 -1.57
N LYS A 141 22.44 23.18 -0.63
CA LYS A 141 21.47 23.16 0.49
C LYS A 141 20.38 24.20 0.16
N VAL A 142 19.13 23.90 0.49
CA VAL A 142 18.01 24.89 0.54
C VAL A 142 17.32 24.70 1.89
N THR A 143 17.14 25.80 2.62
CA THR A 143 16.56 25.85 3.99
C THR A 143 15.63 27.06 4.12
N GLN A 144 14.53 26.92 4.88
CA GLN A 144 13.61 28.03 5.24
C GLN A 144 13.26 28.82 3.96
N TRP A 145 12.75 28.11 2.94
CA TRP A 145 12.58 28.62 1.55
C TRP A 145 11.20 28.23 0.98
N SER A 146 10.80 28.94 -0.09
CA SER A 146 9.62 28.64 -0.95
C SER A 146 9.91 29.02 -2.39
N TYR A 147 9.28 28.32 -3.35
CA TYR A 147 9.29 28.55 -4.82
C TYR A 147 10.71 28.48 -5.40
N PHE A 148 11.61 27.73 -4.77
CA PHE A 148 12.92 27.30 -5.37
C PHE A 148 12.64 26.48 -6.64
N LYS A 149 13.46 26.68 -7.68
CA LYS A 149 13.40 25.92 -8.95
C LYS A 149 14.82 25.62 -9.41
N ALA A 150 15.05 24.43 -9.97
CA ALA A 150 16.34 23.99 -10.54
C ALA A 150 16.03 23.24 -11.85
N ASN A 151 16.04 23.98 -12.96
CA ASN A 151 15.66 23.50 -14.31
C ASN A 151 16.94 23.34 -15.17
N ASN A 152 17.00 22.26 -15.96
CA ASN A 152 17.94 22.02 -17.08
C ASN A 152 19.39 22.02 -16.60
N CYS A 153 19.61 21.54 -15.38
CA CYS A 153 20.97 21.49 -14.78
C CYS A 153 21.46 20.05 -14.67
N ALA A 154 22.55 19.88 -13.93
CA ALA A 154 23.18 18.59 -13.64
C ALA A 154 23.77 18.67 -12.23
N PHE A 155 23.77 17.55 -11.52
CA PHE A 155 24.30 17.42 -10.14
C PHE A 155 25.19 16.19 -10.19
N GLN A 156 26.51 16.32 -10.06
CA GLN A 156 27.28 15.06 -10.18
C GLN A 156 28.65 15.09 -9.53
N ASN A 157 29.28 13.91 -9.49
CA ASN A 157 30.65 13.59 -9.00
C ASN A 157 30.98 14.18 -7.63
N MSE A 158 30.53 13.46 -6.58
CA MSE A 158 30.70 13.76 -5.13
C MSE A 158 30.05 12.60 -4.36
O MSE A 158 29.08 12.03 -4.90
CB MSE A 158 30.02 15.09 -4.78
CG MSE A 158 28.50 15.04 -4.89
SE MSE A 158 27.65 15.69 -3.23
CE MSE A 158 29.02 16.39 -2.02
N ALA A 159 30.55 12.25 -3.17
CA ALA A 159 29.97 11.10 -2.45
C ALA A 159 28.99 11.55 -1.37
N GLY A 160 28.52 12.79 -1.44
CA GLY A 160 27.57 13.26 -0.44
C GLY A 160 26.20 13.43 -1.03
N TRP A 161 25.46 14.45 -0.62
CA TRP A 161 24.10 14.66 -1.14
C TRP A 161 24.10 15.69 -2.27
N GLY A 162 23.43 15.40 -3.38
CA GLY A 162 23.32 16.37 -4.48
C GLY A 162 22.51 17.57 -4.04
N ILE A 163 21.31 17.36 -3.50
CA ILE A 163 20.41 18.45 -3.04
C ILE A 163 19.86 18.07 -1.66
N ARG A 164 20.01 18.95 -0.67
CA ARG A 164 19.52 18.73 0.72
C ARG A 164 18.48 19.80 1.02
N LEU A 165 17.22 19.39 1.23
CA LEU A 165 16.06 20.30 1.40
C LEU A 165 15.60 20.24 2.86
N LYS A 166 15.35 21.40 3.44
CA LYS A 166 14.79 21.50 4.81
C LYS A 166 13.85 22.68 4.80
N ASP A 167 12.60 22.45 5.21
CA ASP A 167 11.56 23.49 5.24
C ASP A 167 11.55 24.19 3.88
N VAL A 168 11.38 23.41 2.82
CA VAL A 168 11.32 23.94 1.43
C VAL A 168 9.92 23.64 0.89
N MSE A 169 9.17 24.67 0.53
CA MSE A 169 7.77 24.51 0.08
C MSE A 169 7.60 25.02 -1.34
O MSE A 169 8.43 25.81 -1.81
CB MSE A 169 6.85 25.29 1.04
CG MSE A 169 7.11 25.00 2.48
SE MSE A 169 5.86 25.67 3.78
CE MSE A 169 6.48 24.86 5.40
N GLU A 170 6.48 24.64 -1.97
CA GLU A 170 6.05 25.07 -3.33
C GLU A 170 7.22 25.12 -4.32
N SER A 171 8.09 24.12 -4.36
CA SER A 171 9.28 24.17 -5.25
C SER A 171 9.17 23.22 -6.44
N ASN A 172 10.22 23.14 -7.25
CA ASN A 172 10.18 22.38 -8.53
C ASN A 172 11.61 22.03 -8.96
N ILE A 173 11.87 20.76 -9.19
CA ILE A 173 13.21 20.25 -9.60
C ILE A 173 12.96 19.28 -10.76
N SER A 174 12.78 19.83 -11.97
CA SER A 174 12.47 18.99 -13.15
C SER A 174 13.42 19.28 -14.32
N GLY A 175 13.84 18.25 -15.02
CA GLY A 175 14.67 18.40 -16.24
C GLY A 175 16.16 18.39 -15.96
N ASN A 176 16.56 17.83 -14.84
CA ASN A 176 17.98 17.76 -14.39
C ASN A 176 18.54 16.36 -14.62
N LEU A 177 19.86 16.25 -14.50
CA LEU A 177 20.59 14.95 -14.38
C LEU A 177 21.12 14.85 -12.95
N PHE A 178 21.11 13.66 -12.39
CA PHE A 178 21.79 13.27 -11.13
C PHE A 178 22.65 12.04 -11.44
N ARG A 179 23.97 12.13 -11.27
CA ARG A 179 24.91 11.05 -11.67
C ARG A 179 26.17 11.07 -10.79
N ARG A 180 26.75 9.89 -10.55
CA ARG A 180 27.92 9.70 -9.66
C ARG A 180 27.76 10.56 -8.40
N LEU A 181 26.57 10.54 -7.78
CA LEU A 181 26.31 11.16 -6.46
C LEU A 181 26.31 10.06 -5.40
N GLY A 182 26.63 10.44 -4.17
CA GLY A 182 26.24 9.73 -2.94
C GLY A 182 27.09 8.55 -2.59
N GLY A 183 26.56 7.71 -1.69
CA GLY A 183 27.30 6.67 -0.97
C GLY A 183 26.87 6.62 0.48
N PRO A 184 27.57 5.84 1.32
CA PRO A 184 27.22 5.68 2.73
C PRO A 184 26.70 6.93 3.46
N SER A 185 27.17 8.13 3.11
CA SER A 185 26.71 9.38 3.77
C SER A 185 26.07 10.32 2.73
N GLY A 186 25.76 9.82 1.53
CA GLY A 186 25.26 10.65 0.40
C GLY A 186 24.01 10.10 -0.29
N GLY A 187 23.60 10.76 -1.38
CA GLY A 187 22.41 10.44 -2.20
C GLY A 187 22.05 11.57 -3.16
N GLY A 188 20.93 11.45 -3.87
CA GLY A 188 20.46 12.43 -4.87
C GLY A 188 19.79 13.60 -4.20
N ILE A 189 18.51 13.44 -3.84
CA ILE A 189 17.69 14.47 -3.16
C ILE A 189 17.28 13.93 -1.79
N LEU A 190 17.59 14.67 -0.71
CA LEU A 190 17.12 14.34 0.66
C LEU A 190 16.06 15.35 1.11
N PHE A 191 14.97 14.84 1.70
CA PHE A 191 13.99 15.63 2.47
C PHE A 191 14.42 15.48 3.93
N ASP A 192 15.04 16.52 4.48
CA ASP A 192 15.69 16.46 5.81
C ASP A 192 14.64 16.64 6.90
N ASP A 193 15.06 16.59 8.17
CA ASP A 193 14.18 16.84 9.33
C ASP A 193 13.40 18.14 9.12
N VAL A 194 12.32 18.31 9.86
CA VAL A 194 11.58 19.59 9.95
C VAL A 194 12.49 20.57 10.69
N ARG A 195 12.24 21.87 10.57
CA ARG A 195 13.11 22.95 11.10
C ARG A 195 12.78 23.19 12.58
N SER A 196 11.50 23.30 12.91
CA SER A 196 11.04 23.56 14.29
C SER A 196 9.76 22.76 14.57
N ALA A 197 8.64 23.20 14.02
CA ALA A 197 7.34 22.48 14.09
C ALA A 197 7.32 21.40 12.99
N VAL A 198 6.54 20.32 13.20
CA VAL A 198 6.33 19.23 12.20
C VAL A 198 5.80 19.82 10.87
N THR A 199 5.16 20.98 10.92
CA THR A 199 4.61 21.71 9.75
C THR A 199 5.69 22.53 9.02
N ASP A 200 6.94 22.57 9.50
CA ASP A 200 8.09 23.29 8.86
C ASP A 200 8.90 22.28 8.04
N ASN A 201 8.32 21.79 6.93
CA ASN A 201 8.69 20.51 6.27
C ASN A 201 8.95 20.76 4.77
N VAL A 202 9.20 19.69 3.99
CA VAL A 202 9.12 19.71 2.51
C VAL A 202 7.67 19.40 2.08
N ASN A 203 7.08 20.22 1.22
CA ASN A 203 5.69 20.00 0.73
C ASN A 203 5.48 20.72 -0.60
N ASN A 204 4.49 20.27 -1.38
CA ASN A 204 4.13 20.78 -2.73
C ASN A 204 5.40 20.89 -3.57
N LEU A 205 6.14 19.78 -3.71
CA LEU A 205 7.40 19.66 -4.50
C LEU A 205 7.19 18.78 -5.74
N HIS A 206 7.55 19.27 -6.93
CA HIS A 206 7.57 18.54 -8.22
C HIS A 206 8.98 18.06 -8.55
N ILE A 207 9.17 16.74 -8.71
CA ILE A 207 10.40 16.09 -9.26
C ILE A 207 10.01 15.33 -10.55
N GLU A 208 10.13 15.98 -11.71
CA GLU A 208 9.61 15.47 -13.01
C GLU A 208 10.71 15.56 -14.07
N ASP A 209 10.66 14.69 -15.09
CA ASP A 209 11.38 14.84 -16.38
C ASP A 209 12.89 14.69 -16.19
N ASN A 210 13.33 14.20 -15.03
CA ASN A 210 14.75 14.04 -14.64
C ASN A 210 15.30 12.71 -15.12
N THR A 211 16.61 12.51 -14.95
CA THR A 211 17.36 11.26 -15.21
C THR A 211 18.30 11.05 -14.03
N PHE A 212 18.22 9.89 -13.38
CA PHE A 212 19.08 9.44 -12.27
C PHE A 212 19.80 8.17 -12.73
N ALA A 213 21.13 8.10 -12.52
CA ALA A 213 21.99 6.97 -12.96
C ALA A 213 23.29 6.92 -12.14
N LEU A 214 23.88 5.72 -11.99
CA LEU A 214 25.25 5.51 -11.43
C LEU A 214 25.40 6.25 -10.10
N MSE A 215 24.59 5.87 -9.11
CA MSE A 215 24.63 6.58 -7.81
C MSE A 215 24.60 5.56 -6.66
O MSE A 215 24.41 4.36 -6.92
CB MSE A 215 23.46 7.57 -7.69
CG MSE A 215 23.27 8.43 -8.92
SE MSE A 215 21.82 9.73 -8.67
CE MSE A 215 21.24 9.71 -6.80
N SER A 216 24.77 6.07 -5.43
CA SER A 216 24.75 5.27 -4.22
C SER A 216 23.91 5.98 -3.15
N GLY A 217 23.63 5.31 -2.03
CA GLY A 217 22.68 5.75 -0.99
C GLY A 217 21.25 5.81 -1.52
N PRO A 218 20.33 6.54 -0.84
CA PRO A 218 19.01 6.90 -1.40
C PRO A 218 19.08 7.84 -2.60
N TRP A 219 18.52 7.47 -3.76
CA TRP A 219 18.53 8.35 -4.96
C TRP A 219 17.51 9.49 -4.77
N ILE A 220 16.39 9.19 -4.11
CA ILE A 220 15.53 10.22 -3.43
C ILE A 220 15.16 9.60 -2.08
N GLY A 221 15.20 10.38 -1.00
CA GLY A 221 15.07 9.87 0.37
C GLY A 221 14.48 10.89 1.31
N SER A 222 14.14 10.46 2.52
CA SER A 222 13.60 11.32 3.62
C SER A 222 13.98 10.73 4.98
N THR A 223 14.12 11.59 5.99
CA THR A 223 14.53 11.22 7.37
C THR A 223 13.31 10.76 8.18
N ALA A 224 13.57 10.28 9.40
CA ALA A 224 12.57 9.84 10.39
C ALA A 224 11.75 11.02 10.91
N ASN A 225 12.07 12.25 10.51
CA ASN A 225 11.43 13.50 11.01
C ASN A 225 11.25 14.54 9.91
N SER A 226 11.13 14.07 8.68
CA SER A 226 10.91 14.89 7.47
C SER A 226 9.45 15.37 7.38
N ASN A 227 8.48 14.52 7.68
CA ASN A 227 7.01 14.84 7.56
C ASN A 227 6.68 15.42 6.19
N PRO A 228 7.17 14.90 5.04
CA PRO A 228 6.87 15.47 3.74
C PRO A 228 5.41 15.23 3.29
N ASP A 229 4.88 16.11 2.44
CA ASP A 229 3.47 16.02 1.98
C ASP A 229 3.31 16.63 0.58
N LEU A 230 2.45 16.01 -0.23
CA LEU A 230 2.15 16.43 -1.63
C LEU A 230 3.45 16.50 -2.44
N ILE A 231 4.07 15.34 -2.63
CA ILE A 231 5.32 15.16 -3.44
C ILE A 231 4.95 14.45 -4.75
N TRP A 232 5.30 15.04 -5.90
CA TRP A 232 5.25 14.39 -7.25
C TRP A 232 6.64 13.91 -7.65
N ILE A 233 6.80 12.58 -7.79
CA ILE A 233 7.93 11.88 -8.45
C ILE A 233 7.35 11.15 -9.67
N VAL A 234 7.28 11.83 -10.81
CA VAL A 234 6.51 11.36 -12.00
C VAL A 234 7.35 11.54 -13.26
N ARG A 235 7.27 10.55 -14.17
CA ARG A 235 7.86 10.59 -15.53
C ARG A 235 9.36 10.94 -15.41
N ASN A 236 10.09 10.24 -14.54
CA ASN A 236 11.57 10.17 -14.47
C ASN A 236 12.08 8.84 -15.03
N LYS A 237 13.33 8.82 -15.49
CA LYS A 237 14.14 7.60 -15.66
C LYS A 237 15.00 7.42 -14.41
N PHE A 238 15.07 6.18 -13.90
CA PHE A 238 16.03 5.69 -12.88
C PHE A 238 16.72 4.47 -13.47
N GLU A 239 18.06 4.45 -13.55
CA GLU A 239 18.79 3.26 -14.04
C GLU A 239 20.15 3.12 -13.34
N PHE A 240 20.46 1.93 -12.84
CA PHE A 240 21.74 1.52 -12.19
C PHE A 240 22.95 2.11 -12.94
N ASP A 241 23.22 1.59 -14.15
CA ASP A 241 24.32 1.98 -15.09
C ASP A 241 25.66 1.42 -14.57
N GLY A 242 25.98 1.65 -13.29
CA GLY A 242 27.19 1.09 -12.66
C GLY A 242 27.30 1.54 -11.21
N THR A 243 28.32 1.04 -10.50
CA THR A 243 28.71 1.46 -9.13
C THR A 243 29.61 2.70 -9.20
N PRO A 244 29.32 3.80 -8.47
CA PRO A 244 30.20 4.98 -8.49
C PRO A 244 31.40 4.79 -7.55
N ALA A 245 32.12 5.87 -7.26
CA ALA A 245 33.41 5.87 -6.51
C ALA A 245 33.23 5.26 -5.12
N ALA A 246 32.14 5.63 -4.43
CA ALA A 246 31.77 5.13 -3.07
C ALA A 246 30.64 4.10 -3.19
N PRO A 247 30.94 2.78 -3.23
CA PRO A 247 29.88 1.77 -3.27
C PRO A 247 29.00 1.85 -2.01
N ASN A 248 27.82 1.24 -2.05
CA ASN A 248 26.92 1.14 -0.87
C ASN A 248 27.58 0.18 0.12
N THR A 249 27.39 0.45 1.41
CA THR A 249 27.88 -0.37 2.55
C THR A 249 26.72 -1.16 3.17
N VAL A 250 25.47 -0.72 3.01
CA VAL A 250 24.26 -1.39 3.57
C VAL A 250 23.24 -1.68 2.45
N ASP A 251 22.36 -2.66 2.70
CA ASP A 251 21.21 -2.98 1.79
C ASP A 251 20.47 -1.66 1.54
N SER A 252 20.25 -1.31 0.26
CA SER A 252 19.76 0.03 -0.17
C SER A 252 18.49 -0.07 -1.03
N TYR A 253 17.79 1.06 -1.14
CA TYR A 253 16.53 1.27 -1.90
C TYR A 253 16.67 2.55 -2.74
N VAL A 254 16.27 2.52 -4.02
CA VAL A 254 16.30 3.70 -4.94
C VAL A 254 15.48 4.83 -4.30
N LEU A 255 14.25 4.54 -3.85
CA LEU A 255 13.37 5.52 -3.16
C LEU A 255 13.21 5.08 -1.71
N ASP A 256 13.74 5.86 -0.76
CA ASP A 256 13.86 5.43 0.66
C ASP A 256 13.29 6.53 1.55
N PHE A 257 12.01 6.40 1.95
CA PHE A 257 11.23 7.47 2.60
C PHE A 257 10.79 7.00 3.99
N GLN A 258 11.48 7.40 5.05
CA GLN A 258 11.17 6.98 6.45
CA GLN A 258 11.14 6.90 6.41
C GLN A 258 9.81 7.56 6.84
N GLN A 259 9.50 8.71 6.26
CA GLN A 259 8.19 9.41 6.41
C GLN A 259 7.78 9.91 5.03
N LEU A 260 6.47 9.94 4.76
CA LEU A 260 5.87 10.40 3.47
C LEU A 260 4.35 10.33 3.60
N SER A 261 3.68 11.48 3.35
CA SER A 261 2.21 11.62 3.39
C SER A 261 1.69 11.50 1.96
N ARG A 262 0.95 12.47 1.45
CA ARG A 262 0.42 12.45 0.05
C ARG A 262 1.60 12.44 -0.92
N ALA A 263 1.68 11.45 -1.81
CA ALA A 263 2.76 11.33 -2.81
C ALA A 263 2.25 10.64 -4.08
N PHE A 264 2.57 11.21 -5.25
CA PHE A 264 2.39 10.61 -6.60
C PHE A 264 3.72 10.04 -7.08
N ILE A 265 3.87 8.70 -7.10
CA ILE A 265 5.07 8.04 -7.68
C ILE A 265 4.62 7.18 -8.87
N GLN A 266 4.61 7.80 -10.06
CA GLN A 266 3.83 7.34 -11.22
C GLN A 266 4.61 7.52 -12.51
N ASP A 267 4.44 6.58 -13.45
CA ASP A 267 4.82 6.77 -14.88
C ASP A 267 6.35 6.96 -14.97
N ASN A 268 7.10 6.35 -14.05
CA ASN A 268 8.57 6.29 -13.98
C ASN A 268 9.10 5.01 -14.66
N GLY A 269 10.31 5.08 -15.22
CA GLY A 269 11.13 3.90 -15.53
C GLY A 269 12.09 3.60 -14.37
N PHE A 270 12.29 2.32 -14.06
CA PHE A 270 13.30 1.83 -13.10
C PHE A 270 14.00 0.66 -13.79
N THR A 271 15.34 0.61 -13.82
CA THR A 271 16.08 -0.35 -14.70
C THR A 271 17.29 -0.94 -13.96
N HIS A 272 17.38 -2.29 -13.92
CA HIS A 272 18.52 -3.11 -13.39
C HIS A 272 18.86 -2.83 -11.92
N PHE A 273 17.87 -2.72 -11.02
CA PHE A 273 18.11 -2.60 -9.56
C PHE A 273 18.05 -3.99 -8.93
N THR A 274 19.23 -4.52 -8.60
CA THR A 274 19.43 -5.86 -7.99
C THR A 274 20.43 -5.76 -6.84
N THR A 275 20.48 -6.78 -5.98
CA THR A 275 21.42 -6.86 -4.83
C THR A 275 22.86 -6.83 -5.36
N GLU A 276 23.21 -7.64 -6.36
CA GLU A 276 24.60 -7.78 -6.86
C GLU A 276 25.03 -6.47 -7.55
N ARG A 277 24.10 -5.64 -8.04
CA ARG A 277 24.41 -4.36 -8.72
C ARG A 277 24.37 -3.21 -7.70
N ASN A 278 25.30 -3.23 -6.74
CA ASN A 278 25.51 -2.16 -5.73
C ASN A 278 24.36 -2.19 -4.72
N ARG A 279 23.87 -3.39 -4.40
CA ARG A 279 23.03 -3.69 -3.21
C ARG A 279 21.73 -2.89 -3.22
N TYR A 280 21.08 -2.76 -4.39
CA TYR A 280 19.68 -2.26 -4.47
C TYR A 280 18.75 -3.46 -4.33
N VAL A 281 18.45 -3.80 -3.07
CA VAL A 281 17.63 -4.99 -2.66
C VAL A 281 16.14 -4.75 -3.01
N GLY A 282 15.74 -3.51 -3.29
CA GLY A 282 14.36 -3.13 -3.65
C GLY A 282 14.26 -1.73 -4.22
N VAL A 283 13.13 -1.41 -4.88
CA VAL A 283 12.92 -0.11 -5.57
C VAL A 283 12.44 0.94 -4.56
N LEU A 284 11.48 0.61 -3.69
CA LEU A 284 10.83 1.57 -2.75
C LEU A 284 10.86 0.98 -1.34
N ARG A 285 11.29 1.77 -0.34
CA ARG A 285 11.04 1.44 1.09
C ARG A 285 10.30 2.60 1.74
N VAL A 286 9.22 2.28 2.47
CA VAL A 286 8.40 3.25 3.22
C VAL A 286 8.51 2.90 4.72
N GLY A 287 8.79 3.89 5.56
CA GLY A 287 9.08 3.65 6.98
C GLY A 287 7.82 3.47 7.81
N ALA A 288 7.98 2.95 9.02
CA ALA A 288 6.89 2.53 9.92
C ALA A 288 6.01 3.71 10.29
N THR A 289 6.49 4.97 10.31
CA THR A 289 5.67 6.13 10.79
C THR A 289 5.17 6.96 9.62
N ALA A 290 5.29 6.48 8.38
CA ALA A 290 4.69 7.14 7.21
C ALA A 290 3.16 7.13 7.35
N VAL A 291 2.50 8.16 6.82
CA VAL A 291 1.02 8.36 6.93
C VAL A 291 0.34 7.92 5.62
N GLY A 292 0.99 8.13 4.47
CA GLY A 292 0.39 8.11 3.11
C GLY A 292 -0.62 9.24 2.96
N THR A 293 -1.48 9.19 1.94
CA THR A 293 -1.58 8.12 0.95
C THR A 293 -0.46 8.22 -0.10
N ILE A 294 0.30 7.13 -0.29
CA ILE A 294 1.34 7.01 -1.36
C ILE A 294 0.78 6.23 -2.54
N LYS A 295 0.79 6.80 -3.74
CA LYS A 295 0.33 6.12 -4.99
C LYS A 295 1.55 5.65 -5.79
N PHE A 296 1.89 4.35 -5.72
CA PHE A 296 2.95 3.74 -6.56
C PHE A 296 2.31 3.05 -7.77
N GLU A 297 2.07 3.76 -8.86
CA GLU A 297 1.19 3.28 -9.97
C GLU A 297 1.84 3.46 -11.36
N ASP A 298 1.64 2.48 -12.24
CA ASP A 298 1.91 2.62 -13.69
C ASP A 298 3.41 2.88 -13.95
N ASN A 299 4.28 2.31 -13.11
CA ASN A 299 5.75 2.33 -13.32
C ASN A 299 6.11 1.13 -14.19
N LEU A 300 7.07 1.30 -15.11
CA LEU A 300 7.54 0.25 -16.04
C LEU A 300 8.99 -0.12 -15.70
N LEU A 301 9.15 -1.27 -15.05
CA LEU A 301 10.43 -1.81 -14.52
C LEU A 301 11.07 -2.77 -15.53
N PHE A 302 12.41 -2.84 -15.52
CA PHE A 302 13.22 -3.77 -16.34
C PHE A 302 14.32 -4.38 -15.48
N ALA A 303 14.33 -5.72 -15.36
CA ALA A 303 15.32 -6.56 -14.63
C ALA A 303 15.53 -6.09 -13.18
N CYS A 304 14.46 -5.62 -12.52
CA CYS A 304 14.48 -5.27 -11.08
C CYS A 304 14.16 -6.51 -10.22
N GLU A 305 14.84 -6.60 -9.08
CA GLU A 305 14.83 -7.77 -8.16
C GLU A 305 13.59 -7.75 -7.23
N SER A 306 13.21 -6.59 -6.71
CA SER A 306 12.08 -6.46 -5.75
C SER A 306 11.40 -5.09 -5.84
N ALA A 307 10.06 -5.03 -5.69
CA ALA A 307 9.33 -3.74 -5.56
C ALA A 307 9.80 -3.05 -4.27
N GLY A 308 10.07 -3.85 -3.23
CA GLY A 308 10.71 -3.39 -1.99
C GLY A 308 9.93 -3.75 -0.74
N LEU A 309 9.83 -2.81 0.19
CA LEU A 309 9.38 -3.06 1.58
C LEU A 309 8.53 -1.88 2.05
N ILE A 310 7.32 -2.13 2.53
CA ILE A 310 6.39 -1.10 3.05
C ILE A 310 6.18 -1.45 4.53
N ALA A 311 6.67 -0.63 5.48
CA ALA A 311 6.55 -0.96 6.92
C ALA A 311 5.52 -0.07 7.61
N GLY A 312 4.92 0.84 6.84
CA GLY A 312 3.96 1.82 7.34
C GLY A 312 3.31 2.63 6.25
N GLY A 313 2.26 3.35 6.63
CA GLY A 313 1.56 4.30 5.77
C GLY A 313 0.40 3.63 5.05
N ILE A 314 -0.46 4.44 4.45
CA ILE A 314 -1.43 3.94 3.46
C ILE A 314 -0.76 3.97 2.08
N VAL A 315 -0.60 2.82 1.42
CA VAL A 315 0.08 2.70 0.11
C VAL A 315 -0.86 2.00 -0.88
N VAL A 316 -1.06 2.61 -2.05
CA VAL A 316 -1.85 2.06 -3.19
C VAL A 316 -0.88 1.75 -4.33
N SER A 317 -0.75 0.48 -4.74
CA SER A 317 0.12 0.06 -5.86
C SER A 317 -0.72 -0.66 -6.92
N ARG A 318 -0.72 -0.21 -8.18
CA ARG A 318 -1.44 -0.84 -9.30
C ARG A 318 -0.83 -0.40 -10.64
N GLY A 319 -0.97 -1.26 -11.64
CA GLY A 319 -0.58 -0.98 -13.05
C GLY A 319 0.92 -1.05 -13.29
N ASN A 320 1.70 -1.48 -12.30
CA ASN A 320 3.17 -1.72 -12.42
C ASN A 320 3.46 -3.04 -13.15
N VAL A 321 4.43 -3.05 -14.06
CA VAL A 321 4.84 -4.23 -14.87
C VAL A 321 6.38 -4.24 -14.98
N ASN A 322 7.00 -5.41 -14.70
CA ASN A 322 8.47 -5.69 -14.80
C ASN A 322 8.69 -6.64 -15.98
N ASN A 323 9.46 -6.23 -16.99
CA ASN A 323 10.06 -7.16 -17.99
C ASN A 323 11.33 -7.71 -17.36
N GLN A 324 11.40 -9.01 -17.10
CA GLN A 324 12.50 -9.60 -16.30
C GLN A 324 13.84 -9.39 -17.03
N GLY A 325 13.80 -9.33 -18.37
CA GLY A 325 15.00 -9.13 -19.23
C GLY A 325 16.07 -10.17 -18.96
N SER A 326 17.29 -9.71 -18.62
CA SER A 326 18.46 -10.59 -18.36
C SER A 326 18.47 -11.10 -16.91
N ALA A 327 17.61 -10.60 -16.02
CA ALA A 327 17.58 -11.05 -14.60
C ALA A 327 17.29 -12.55 -14.56
N THR A 328 17.86 -13.23 -13.57
CA THR A 328 17.79 -14.71 -13.43
CA THR A 328 17.78 -14.70 -13.44
C THR A 328 16.48 -15.09 -12.73
N THR A 329 15.80 -14.12 -12.09
CA THR A 329 14.56 -14.35 -11.28
C THR A 329 13.47 -13.32 -11.61
N ALA A 330 12.20 -13.72 -11.50
CA ALA A 330 11.04 -12.80 -11.52
C ALA A 330 11.19 -11.76 -10.39
N ILE A 331 10.79 -10.51 -10.63
CA ILE A 331 10.69 -9.51 -9.53
C ILE A 331 9.90 -10.09 -8.34
N LYS A 332 10.36 -9.84 -7.12
CA LYS A 332 9.60 -10.07 -5.87
C LYS A 332 8.59 -8.94 -5.65
N GLN A 333 7.46 -9.26 -5.05
CA GLN A 333 6.38 -8.31 -4.67
C GLN A 333 6.80 -7.56 -3.41
N PHE A 334 6.19 -6.41 -3.15
CA PHE A 334 6.33 -5.70 -1.85
C PHE A 334 6.16 -6.70 -0.69
N THR A 335 7.05 -6.57 0.29
CA THR A 335 6.84 -7.09 1.66
C THR A 335 6.05 -6.01 2.40
N ASN A 336 4.91 -6.35 3.01
CA ASN A 336 4.00 -5.40 3.69
C ASN A 336 3.91 -5.75 5.18
N THR A 337 4.33 -4.83 6.08
CA THR A 337 4.14 -4.97 7.55
C THR A 337 3.44 -3.74 8.11
N SER A 338 2.80 -2.94 7.26
CA SER A 338 2.18 -1.66 7.68
C SER A 338 1.02 -1.93 8.66
N SER A 339 0.82 -1.02 9.61
CA SER A 339 -0.29 -1.02 10.59
C SER A 339 -1.54 -0.43 9.95
N LYS A 340 -1.44 -0.03 8.68
CA LYS A 340 -2.55 0.63 7.95
C LYS A 340 -2.87 -0.07 6.62
N LEU A 341 -4.13 0.07 6.18
CA LEU A 341 -4.63 -0.40 4.84
C LEU A 341 -3.59 -0.13 3.77
N CYS A 342 -3.19 -1.19 3.07
CA CYS A 342 -2.48 -1.10 1.79
C CYS A 342 -3.29 -1.86 0.73
N LYS A 343 -3.31 -1.32 -0.50
CA LYS A 343 -3.98 -2.00 -1.64
C LYS A 343 -2.87 -2.26 -2.66
N LEU A 344 -2.24 -3.44 -2.59
CA LEU A 344 -1.03 -3.76 -3.38
C LEU A 344 -1.38 -4.79 -4.45
N GLU A 345 -1.80 -4.34 -5.64
CA GLU A 345 -1.99 -5.27 -6.80
C GLU A 345 -0.58 -5.69 -7.24
N ARG A 346 -0.45 -6.92 -7.76
N ARG A 346 -0.47 -6.91 -7.78
CA ARG A 346 0.87 -7.51 -8.09
CA ARG A 346 0.81 -7.51 -8.23
C ARG A 346 1.55 -6.68 -9.19
C ARG A 346 1.53 -6.56 -9.18
N VAL A 347 2.87 -6.51 -9.07
CA VAL A 347 3.74 -6.10 -10.20
C VAL A 347 3.82 -7.33 -11.09
N ILE A 348 3.22 -7.24 -12.30
CA ILE A 348 3.18 -8.34 -13.30
C ILE A 348 4.64 -8.60 -13.71
N ASN A 349 5.05 -9.88 -13.80
CA ASN A 349 6.41 -10.24 -14.29
C ASN A 349 6.25 -10.94 -15.65
N VAL A 350 6.67 -10.28 -16.71
CA VAL A 350 6.78 -10.88 -18.07
C VAL A 350 8.27 -11.16 -18.36
N GLN A 351 8.56 -12.34 -18.89
CA GLN A 351 9.94 -12.77 -19.26
C GLN A 351 10.29 -12.00 -20.54
N SER A 352 11.53 -12.04 -21.03
CA SER A 352 11.90 -11.25 -22.24
C SER A 352 11.18 -11.75 -23.50
N ASN A 353 10.76 -13.02 -23.56
CA ASN A 353 10.05 -13.63 -24.73
C ASN A 353 8.54 -13.34 -24.72
N GLY A 354 8.05 -12.58 -23.74
CA GLY A 354 6.64 -12.16 -23.63
C GLY A 354 5.78 -13.08 -22.75
N ASN A 355 6.36 -14.10 -22.10
CA ASN A 355 5.63 -15.09 -21.26
C ASN A 355 5.38 -14.52 -19.86
N VAL A 356 4.11 -14.48 -19.41
CA VAL A 356 3.82 -14.15 -17.97
C VAL A 356 4.33 -15.29 -17.10
N SER A 357 5.13 -14.99 -16.08
CA SER A 357 5.63 -15.93 -15.04
C SER A 357 5.06 -15.54 -13.67
N VAL A 358 4.60 -14.31 -13.52
CA VAL A 358 3.83 -13.85 -12.31
C VAL A 358 2.68 -12.97 -12.80
N GLY A 359 1.45 -13.42 -12.57
CA GLY A 359 0.24 -12.69 -12.97
C GLY A 359 -0.44 -12.00 -11.80
N GLN A 360 -1.64 -11.47 -12.05
CA GLN A 360 -2.52 -10.86 -11.02
C GLN A 360 -2.71 -11.89 -9.91
N GLN A 361 -2.83 -11.46 -8.67
CA GLN A 361 -3.20 -12.37 -7.55
C GLN A 361 -4.60 -12.96 -7.79
N ILE A 362 -4.73 -14.28 -7.65
CA ILE A 362 -6.04 -15.01 -7.77
C ILE A 362 -6.66 -14.95 -6.38
N LEU A 363 -7.63 -14.05 -6.24
CA LEU A 363 -8.32 -13.83 -4.93
C LEU A 363 -9.51 -14.75 -4.84
N PRO A 364 -9.99 -15.11 -3.63
CA PRO A 364 -11.27 -15.82 -3.50
C PRO A 364 -12.37 -14.95 -4.10
N ASP A 365 -13.37 -15.52 -4.79
CA ASP A 365 -14.37 -14.63 -5.43
CA ASP A 365 -14.48 -14.76 -5.42
C ASP A 365 -15.05 -13.86 -4.30
N GLY A 366 -15.22 -12.58 -4.54
CA GLY A 366 -15.88 -11.63 -3.63
C GLY A 366 -15.05 -11.26 -2.41
N TYR A 367 -13.80 -11.67 -2.34
CA TYR A 367 -12.93 -11.35 -1.18
C TYR A 367 -12.74 -9.84 -0.98
N ILE A 368 -12.88 -9.41 0.27
CA ILE A 368 -12.60 -8.02 0.74
C ILE A 368 -11.72 -8.16 1.97
N ASN A 369 -10.53 -7.56 1.98
CA ASN A 369 -9.70 -7.48 3.22
C ASN A 369 -10.40 -6.59 4.24
N MSE A 370 -10.41 -6.95 5.54
CA MSE A 370 -11.23 -6.24 6.52
C MSE A 370 -10.81 -4.77 6.59
O MSE A 370 -11.65 -3.91 6.87
CB MSE A 370 -11.21 -6.91 7.90
CG MSE A 370 -11.71 -8.34 7.95
SE MSE A 370 -13.49 -8.62 7.14
CE MSE A 370 -14.54 -7.71 8.51
N ALA A 371 -9.55 -4.44 6.24
CA ALA A 371 -9.08 -3.08 6.45
C ALA A 371 -9.63 -2.14 5.37
N GLU A 372 -10.19 -2.68 4.30
CA GLU A 372 -10.84 -1.88 3.24
C GLU A 372 -12.22 -1.42 3.71
N LEU A 373 -12.80 -2.07 4.73
CA LEU A 373 -14.17 -1.75 5.18
C LEU A 373 -14.08 -0.61 6.19
N PRO A 374 -15.18 0.12 6.38
CA PRO A 374 -15.26 1.14 7.43
C PRO A 374 -15.58 0.58 8.80
N GLY A 375 -15.30 1.37 9.83
CA GLY A 375 -15.54 0.95 11.21
C GLY A 375 -15.29 2.09 12.19
N ASN A 376 -15.79 1.96 13.41
CA ASN A 376 -15.81 3.04 14.44
C ASN A 376 -14.58 2.99 15.35
N THR A 377 -13.71 1.99 15.27
CA THR A 377 -12.56 1.82 16.20
C THR A 377 -11.25 1.70 15.41
N ARG A 378 -10.20 2.40 15.84
CA ARG A 378 -8.86 2.24 15.23
C ARG A 378 -8.35 0.84 15.60
N LEU A 379 -8.06 0.07 14.57
CA LEU A 379 -7.60 -1.34 14.65
C LEU A 379 -6.32 -1.46 13.81
N PRO A 380 -5.13 -1.44 14.44
CA PRO A 380 -3.89 -1.67 13.70
C PRO A 380 -3.84 -3.02 12.97
N SER A 381 -3.36 -2.98 11.74
CA SER A 381 -3.07 -4.15 10.91
C SER A 381 -1.73 -4.73 11.39
N GLU A 382 -1.54 -6.05 11.23
CA GLU A 382 -0.26 -6.74 11.50
C GLU A 382 -0.03 -7.89 10.52
N TYR A 383 1.20 -8.39 10.48
CA TYR A 383 1.64 -9.38 9.48
C TYR A 383 1.22 -10.77 9.98
N ASP A 384 0.66 -11.58 9.09
CA ASP A 384 0.46 -13.04 9.27
C ASP A 384 0.73 -13.67 7.89
N ALA A 385 1.79 -14.44 7.76
CA ALA A 385 2.22 -15.11 6.50
C ALA A 385 1.04 -15.85 5.83
N ASP A 386 0.03 -16.29 6.60
CA ASP A 386 -1.06 -17.18 6.08
C ASP A 386 -2.34 -16.35 5.80
N GLY A 387 -2.33 -15.03 5.98
CA GLY A 387 -3.47 -14.19 5.56
C GLY A 387 -3.46 -14.01 4.06
N GLU A 388 -4.63 -13.87 3.44
CA GLU A 388 -4.76 -13.82 1.95
C GLU A 388 -3.81 -12.74 1.40
N THR A 389 -3.65 -11.59 2.09
CA THR A 389 -2.75 -10.48 1.67
C THR A 389 -1.55 -10.31 2.63
N THR A 390 -1.30 -11.25 3.52
CA THR A 390 -0.37 -11.16 4.68
C THR A 390 -0.77 -10.08 5.69
N SER A 391 -1.80 -9.27 5.45
CA SER A 391 -2.21 -8.18 6.39
C SER A 391 -3.60 -8.48 7.00
N VAL A 392 -3.69 -8.46 8.32
CA VAL A 392 -4.86 -8.89 9.15
C VAL A 392 -5.09 -7.89 10.28
N LEU A 393 -6.35 -7.67 10.66
CA LEU A 393 -6.70 -6.83 11.83
C LEU A 393 -6.63 -7.64 13.14
N ARG A 394 -6.22 -6.98 14.22
CA ARG A 394 -6.28 -7.51 15.61
C ARG A 394 -7.44 -6.79 16.31
N VAL A 395 -8.47 -7.54 16.67
CA VAL A 395 -9.69 -6.96 17.30
C VAL A 395 -9.81 -7.46 18.73
N PRO A 396 -9.66 -6.55 19.73
CA PRO A 396 -9.81 -6.94 21.13
C PRO A 396 -11.25 -7.33 21.48
N ALA A 397 -11.37 -7.98 22.64
CA ALA A 397 -12.63 -8.26 23.37
C ALA A 397 -13.52 -7.02 23.37
N ASN A 398 -14.81 -7.27 23.13
CA ASN A 398 -15.91 -6.30 23.30
C ASN A 398 -15.71 -5.11 22.35
N THR A 399 -15.23 -5.34 21.12
CA THR A 399 -14.89 -4.32 20.12
C THR A 399 -15.56 -4.64 18.77
N GLN A 400 -15.97 -3.63 18.02
CA GLN A 400 -16.45 -3.85 16.61
C GLN A 400 -15.25 -4.29 15.74
N VAL A 401 -15.42 -5.31 14.89
CA VAL A 401 -14.47 -5.59 13.77
C VAL A 401 -14.62 -4.50 12.69
N ARG A 402 -15.72 -4.54 11.91
CA ARG A 402 -16.06 -3.56 10.84
C ARG A 402 -17.58 -3.54 10.69
N GLN A 403 -18.11 -2.51 10.04
CA GLN A 403 -19.54 -2.31 9.74
C GLN A 403 -19.62 -1.87 8.28
N TRP A 404 -20.62 -2.37 7.55
CA TRP A 404 -20.88 -1.99 6.14
C TRP A 404 -22.37 -1.75 5.86
N SER A 405 -22.66 -1.04 4.77
CA SER A 405 -24.02 -0.78 4.27
C SER A 405 -24.46 -1.95 3.39
N VAL A 406 -25.73 -2.32 3.51
CA VAL A 406 -26.36 -3.40 2.72
C VAL A 406 -26.76 -2.79 1.38
N PRO A 407 -26.39 -3.39 0.25
CA PRO A 407 -26.85 -2.90 -1.07
C PRO A 407 -28.38 -2.75 -1.17
N LYS A 408 -28.84 -1.71 -1.84
CA LYS A 408 -30.29 -1.45 -1.87
CA LYS A 408 -30.28 -1.40 -1.94
C LYS A 408 -31.01 -2.57 -2.62
N MSE A 409 -30.38 -3.19 -3.62
CA MSE A 409 -31.06 -4.25 -4.36
C MSE A 409 -31.41 -5.44 -3.47
O MSE A 409 -32.32 -6.21 -3.79
CB MSE A 409 -30.19 -4.76 -5.52
CG MSE A 409 -30.88 -5.73 -6.46
SE MSE A 409 -29.61 -6.13 -7.94
CE MSE A 409 -30.36 -5.05 -9.33
N TYR A 410 -30.62 -5.67 -2.42
CA TYR A 410 -30.82 -6.81 -1.52
C TYR A 410 -31.91 -6.50 -0.49
N LYS A 411 -32.26 -5.22 -0.30
CA LYS A 411 -33.18 -4.80 0.79
C LYS A 411 -34.62 -4.79 0.30
N ASP A 412 -35.11 -5.94 -0.17
CA ASP A 412 -36.48 -6.06 -0.72
C ASP A 412 -37.32 -7.01 0.10
N GLY A 413 -36.86 -7.44 1.29
CA GLY A 413 -37.54 -8.41 2.16
C GLY A 413 -37.56 -9.82 1.57
N LEU A 414 -36.95 -10.01 0.41
CA LEU A 414 -37.01 -11.34 -0.27
C LEU A 414 -35.59 -11.79 -0.65
N THR A 415 -34.57 -11.37 0.09
CA THR A 415 -33.16 -11.75 -0.23
C THR A 415 -32.48 -12.34 1.02
N VAL A 416 -32.02 -13.60 0.93
CA VAL A 416 -31.13 -14.27 1.91
C VAL A 416 -29.70 -13.90 1.56
N THR A 417 -28.93 -13.46 2.55
CA THR A 417 -27.51 -13.13 2.36
C THR A 417 -26.68 -13.99 3.31
N LYS A 418 -25.39 -14.02 3.04
CA LYS A 418 -24.41 -14.87 3.75
C LYS A 418 -23.06 -14.13 3.84
N VAL A 419 -22.45 -14.24 5.01
CA VAL A 419 -21.11 -13.70 5.39
C VAL A 419 -20.20 -14.88 5.66
N THR A 420 -19.11 -15.00 4.92
CA THR A 420 -18.03 -15.90 5.28
C THR A 420 -16.82 -15.04 5.65
N VAL A 421 -16.31 -15.23 6.86
CA VAL A 421 -15.16 -14.43 7.38
C VAL A 421 -14.06 -15.39 7.81
N ARG A 422 -12.85 -15.10 7.34
CA ARG A 422 -11.63 -15.89 7.68
C ARG A 422 -10.98 -15.29 8.93
N ALA A 423 -10.90 -16.10 10.01
CA ALA A 423 -10.51 -15.63 11.37
C ALA A 423 -9.62 -16.65 12.10
N LYS A 424 -8.85 -16.13 13.06
CA LYS A 424 -7.92 -16.94 13.91
C LYS A 424 -7.95 -16.38 15.34
N GLY A 425 -8.27 -17.21 16.34
CA GLY A 425 -8.22 -16.75 17.74
C GLY A 425 -6.78 -16.49 18.17
N ALA A 426 -6.52 -15.41 18.92
CA ALA A 426 -5.18 -15.15 19.48
C ALA A 426 -4.92 -16.16 20.62
N ALA A 427 -5.98 -16.59 21.29
CA ALA A 427 -6.03 -17.50 22.44
C ALA A 427 -7.47 -18.00 22.52
N ALA A 428 -7.76 -18.96 23.40
CA ALA A 428 -9.12 -19.50 23.62
C ALA A 428 -10.07 -18.36 24.03
N GLY A 429 -11.32 -18.43 23.53
CA GLY A 429 -12.50 -17.69 24.02
C GLY A 429 -12.89 -16.49 23.18
N ALA A 430 -12.25 -16.23 22.01
CA ALA A 430 -12.73 -15.21 21.06
C ALA A 430 -14.06 -15.71 20.47
N ILE A 431 -15.01 -14.78 20.32
CA ILE A 431 -16.35 -15.05 19.69
C ILE A 431 -16.60 -13.93 18.67
N LEU A 432 -17.06 -14.27 17.46
CA LEU A 432 -17.57 -13.29 16.45
C LEU A 432 -19.11 -13.34 16.43
N SER A 433 -19.74 -12.17 16.57
CA SER A 433 -21.21 -12.00 16.40
C SER A 433 -21.45 -11.21 15.12
N LEU A 434 -22.40 -11.63 14.29
CA LEU A 434 -22.94 -10.78 13.21
C LEU A 434 -24.21 -10.12 13.77
N GLN A 435 -24.33 -8.79 13.58
CA GLN A 435 -25.40 -7.98 14.18
C GLN A 435 -25.98 -7.05 13.11
N SER A 436 -27.24 -6.71 13.32
CA SER A 436 -27.92 -5.55 12.69
C SER A 436 -28.07 -4.50 13.79
N GLY A 437 -27.19 -3.53 13.81
CA GLY A 437 -27.06 -2.59 14.95
C GLY A 437 -26.81 -3.37 16.21
N SER A 438 -27.64 -3.19 17.26
CA SER A 438 -27.45 -3.91 18.55
C SER A 438 -28.15 -5.28 18.59
N THR A 439 -28.94 -5.65 17.57
CA THR A 439 -29.58 -6.98 17.46
C THR A 439 -28.56 -8.03 16.99
N VAL A 440 -28.50 -9.15 17.67
CA VAL A 440 -27.51 -10.23 17.44
C VAL A 440 -28.20 -11.27 16.54
N LEU A 441 -27.63 -11.52 15.34
CA LEU A 441 -28.22 -12.49 14.38
C LEU A 441 -27.66 -13.91 14.57
N SER A 442 -26.37 -14.04 14.82
CA SER A 442 -25.65 -15.32 14.83
C SER A 442 -24.32 -15.13 15.58
N THR A 443 -23.85 -16.13 16.30
CA THR A 443 -22.50 -16.08 16.93
C THR A 443 -21.77 -17.36 16.61
N LYS A 444 -20.44 -17.23 16.47
CA LYS A 444 -19.53 -18.38 16.29
C LYS A 444 -18.36 -18.24 17.28
N SER A 445 -18.07 -19.28 18.04
CA SER A 445 -16.78 -19.49 18.73
C SER A 445 -15.60 -19.60 17.74
N ILE A 446 -14.51 -18.89 18.00
CA ILE A 446 -13.31 -18.84 17.11
C ILE A 446 -12.24 -19.75 17.71
N ASP A 447 -11.77 -20.72 16.92
CA ASP A 447 -10.68 -21.67 17.29
C ASP A 447 -9.37 -20.90 17.41
N ALA A 448 -8.62 -21.15 18.47
CA ALA A 448 -7.31 -20.52 18.73
C ALA A 448 -6.26 -21.09 17.78
N GLY A 449 -5.36 -20.24 17.29
CA GLY A 449 -4.12 -20.66 16.59
C GLY A 449 -4.21 -21.12 15.16
N VAL A 450 -5.40 -21.14 14.56
CA VAL A 450 -5.56 -21.60 13.16
C VAL A 450 -6.52 -20.67 12.42
N TRP A 451 -6.34 -20.56 11.11
CA TRP A 451 -7.26 -19.81 10.23
C TRP A 451 -8.40 -20.78 9.86
N LYS A 452 -9.64 -20.36 10.06
CA LYS A 452 -10.85 -21.13 9.70
CA LYS A 452 -10.85 -21.13 9.70
C LYS A 452 -11.89 -20.14 9.14
N ASN A 453 -12.81 -20.65 8.31
CA ASN A 453 -13.87 -19.85 7.67
C ASN A 453 -15.13 -20.00 8.53
N TYR A 454 -15.74 -18.88 8.88
CA TYR A 454 -16.93 -18.80 9.77
C TYR A 454 -18.10 -18.26 8.93
N VAL A 455 -19.19 -19.04 8.88
CA VAL A 455 -20.35 -18.76 7.98
C VAL A 455 -21.51 -18.25 8.85
N PHE A 456 -22.10 -17.12 8.46
CA PHE A 456 -23.28 -16.52 9.11
C PHE A 456 -24.31 -16.29 8.01
N TYR A 457 -25.51 -16.84 8.13
CA TYR A 457 -26.66 -16.50 7.24
C TYR A 457 -27.47 -15.38 7.86
N VAL A 458 -28.00 -14.50 7.00
CA VAL A 458 -29.03 -13.52 7.41
C VAL A 458 -30.37 -13.91 6.79
N LYS A 459 -31.36 -14.27 7.60
CA LYS A 459 -32.71 -14.62 7.04
C LYS A 459 -33.26 -13.39 6.31
N ALA A 460 -34.16 -13.56 5.37
CA ALA A 460 -34.67 -12.43 4.56
C ALA A 460 -35.39 -11.37 5.42
N ASN A 461 -36.02 -11.78 6.51
CA ASN A 461 -36.80 -10.86 7.40
C ASN A 461 -35.92 -10.15 8.43
N GLN A 462 -34.61 -10.34 8.39
CA GLN A 462 -33.64 -9.81 9.37
C GLN A 462 -32.80 -8.70 8.76
N LEU A 463 -32.75 -8.58 7.42
CA LEU A 463 -31.80 -7.68 6.73
C LEU A 463 -32.36 -6.25 6.74
N GLN A 464 -31.58 -5.28 7.23
CA GLN A 464 -31.90 -3.84 7.35
CA GLN A 464 -31.98 -3.84 7.22
C GLN A 464 -30.83 -3.04 6.58
N GLU A 465 -30.42 -1.89 7.13
CA GLU A 465 -29.56 -0.88 6.45
C GLU A 465 -28.07 -1.25 6.50
N THR A 466 -27.63 -1.83 7.62
CA THR A 466 -26.18 -2.07 7.87
C THR A 466 -26.01 -3.45 8.52
N LEU A 467 -24.82 -4.03 8.39
CA LEU A 467 -24.43 -5.21 9.18
C LEU A 467 -23.12 -4.85 9.88
N GLN A 468 -22.82 -5.51 10.99
CA GLN A 468 -21.48 -5.41 11.63
C GLN A 468 -21.06 -6.77 12.20
N LEU A 469 -19.76 -6.95 12.27
CA LEU A 469 -19.14 -8.09 12.99
C LEU A 469 -18.46 -7.47 14.21
N ARG A 470 -18.69 -8.08 15.37
CA ARG A 470 -18.10 -7.69 16.67
C ARG A 470 -17.38 -8.89 17.30
N ASN A 471 -16.29 -8.64 18.04
CA ASN A 471 -15.70 -9.62 18.98
C ASN A 471 -16.48 -9.48 20.29
N THR A 472 -17.26 -10.50 20.65
CA THR A 472 -18.11 -10.58 21.87
C THR A 472 -17.54 -11.60 22.85
N GLY A 473 -16.25 -11.98 22.68
CA GLY A 473 -15.55 -13.02 23.45
C GLY A 473 -14.61 -12.42 24.48
N THR A 474 -13.60 -13.16 24.95
CA THR A 474 -12.65 -12.67 26.00
C THR A 474 -11.20 -12.53 25.51
N ALA A 475 -10.89 -12.94 24.27
CA ALA A 475 -9.53 -12.91 23.68
C ALA A 475 -9.57 -12.14 22.37
N ASP A 476 -8.40 -11.67 21.93
CA ASP A 476 -8.19 -11.05 20.62
C ASP A 476 -8.61 -12.05 19.52
N VAL A 477 -9.19 -11.53 18.44
CA VAL A 477 -9.33 -12.32 17.19
C VAL A 477 -8.59 -11.59 16.06
N LEU A 478 -7.89 -12.35 15.22
CA LEU A 478 -7.27 -11.82 13.98
C LEU A 478 -8.27 -12.05 12.83
N ALA A 479 -8.57 -11.00 12.11
CA ALA A 479 -9.59 -11.01 11.04
C ALA A 479 -8.89 -10.74 9.73
N ASP A 480 -8.94 -11.71 8.82
CA ASP A 480 -8.27 -11.56 7.50
C ASP A 480 -9.19 -10.77 6.55
N GLY A 481 -10.26 -11.40 6.09
CA GLY A 481 -11.17 -10.80 5.09
C GLY A 481 -12.44 -11.62 5.03
N MSE A 482 -13.36 -11.21 4.15
CA MSE A 482 -14.70 -11.77 4.11
C MSE A 482 -15.25 -11.73 2.69
O MSE A 482 -14.74 -10.98 1.85
CB MSE A 482 -15.72 -11.04 4.98
CG MSE A 482 -16.08 -9.62 4.55
SE MSE A 482 -17.54 -8.89 5.63
CE MSE A 482 -18.20 -7.51 4.42
N VAL A 483 -16.36 -12.50 2.54
CA VAL A 483 -17.15 -12.58 1.33
C VAL A 483 -18.60 -12.40 1.80
N PHE A 484 -19.24 -11.36 1.32
CA PHE A 484 -20.64 -11.01 1.60
C PHE A 484 -21.42 -10.95 0.30
N GLY A 485 -22.60 -11.55 0.27
CA GLY A 485 -23.47 -11.47 -0.92
C GLY A 485 -24.75 -12.27 -0.74
N LYS A 486 -25.59 -12.17 -1.75
CA LYS A 486 -26.89 -12.89 -1.86
C LYS A 486 -26.59 -14.38 -2.07
N VAL A 487 -27.44 -15.23 -1.53
CA VAL A 487 -27.43 -16.70 -1.81
C VAL A 487 -28.84 -17.16 -2.21
N ASP A 488 -28.94 -18.29 -2.90
CA ASP A 488 -30.26 -18.73 -3.46
C ASP A 488 -30.75 -19.93 -2.66
N TYR A 489 -30.03 -20.23 -1.58
CA TYR A 489 -30.37 -21.32 -0.63
C TYR A 489 -29.99 -20.95 0.83
N ILE A 490 -30.51 -21.72 1.75
CA ILE A 490 -30.09 -21.69 3.18
C ILE A 490 -30.19 -23.12 3.72
N ASP A 491 -29.20 -23.50 4.54
CA ASP A 491 -29.12 -24.83 5.18
C ASP A 491 -29.86 -24.78 6.52
N TRP A 492 -30.59 -25.84 6.80
CA TRP A 492 -31.49 -25.93 7.97
C TRP A 492 -31.37 -27.30 8.66
N ASP A 493 -31.18 -27.33 9.98
CA ASP A 493 -31.03 -28.59 10.75
C ASP A 493 -32.03 -28.52 11.92
N PHE A 494 -32.76 -29.59 12.24
CA PHE A 494 -33.83 -29.54 13.29
C PHE A 494 -33.93 -30.84 14.09
N ALA A 495 -34.43 -30.73 15.32
CA ALA A 495 -34.67 -31.85 16.27
C ALA A 495 -35.80 -32.76 15.72
N ILE A 496 -35.57 -34.08 15.74
CA ILE A 496 -36.58 -35.17 15.52
C ILE A 496 -36.45 -36.23 16.63
N ALA A 497 -37.49 -37.05 16.81
CA ALA A 497 -37.56 -38.13 17.82
C ALA A 497 -38.47 -39.29 17.37
N PRO A 498 -38.10 -39.98 16.28
CA PRO A 498 -38.93 -41.05 15.70
C PRO A 498 -39.08 -42.27 16.62
N GLY A 499 -38.11 -42.47 17.51
CA GLY A 499 -38.19 -43.56 18.51
C GLY A 499 -38.24 -44.94 17.88
N THR A 500 -39.03 -45.82 18.49
CA THR A 500 -39.16 -47.24 18.10
C THR A 500 -40.48 -47.39 17.36
N LEU A 501 -40.42 -47.84 16.11
CA LEU A 501 -41.62 -47.97 15.23
C LEU A 501 -41.97 -49.45 15.01
N ALA A 502 -43.24 -49.82 15.24
CA ALA A 502 -43.76 -51.15 14.89
C ALA A 502 -43.74 -51.33 13.36
N ALA A 503 -43.82 -52.57 12.87
CA ALA A 503 -44.00 -52.89 11.43
C ALA A 503 -45.04 -51.96 10.81
N GLY A 504 -44.66 -51.21 9.77
CA GLY A 504 -45.57 -50.35 8.98
C GLY A 504 -45.95 -49.06 9.68
N ALA A 505 -45.42 -48.77 10.87
CA ALA A 505 -45.79 -47.52 11.58
C ALA A 505 -44.97 -46.37 10.99
N LYS A 506 -45.40 -45.14 11.22
CA LYS A 506 -44.69 -43.97 10.71
C LYS A 506 -44.63 -42.88 11.77
N TYR A 507 -43.61 -42.07 11.64
CA TYR A 507 -43.35 -40.85 12.42
C TYR A 507 -43.38 -39.63 11.49
N THR A 508 -44.01 -38.55 11.93
CA THR A 508 -44.04 -37.23 11.25
C THR A 508 -43.30 -36.22 12.13
N THR A 509 -42.31 -35.57 11.59
CA THR A 509 -41.50 -34.51 12.25
C THR A 509 -42.40 -33.34 12.60
N PRO A 510 -42.02 -32.56 13.61
CA PRO A 510 -42.61 -31.22 13.78
C PRO A 510 -42.56 -30.39 12.50
N ASN A 511 -43.50 -29.46 12.37
CA ASN A 511 -43.58 -28.54 11.24
C ASN A 511 -42.35 -27.61 11.21
N GLN A 512 -41.78 -27.47 10.01
CA GLN A 512 -40.66 -26.59 9.64
C GLN A 512 -41.20 -25.37 8.88
N SER A 513 -41.49 -24.29 9.60
CA SER A 513 -42.12 -23.09 8.98
C SER A 513 -41.12 -22.37 8.08
N TYR A 514 -41.59 -21.80 6.94
CA TYR A 514 -40.71 -20.96 6.09
C TYR A 514 -40.18 -19.74 6.87
N LEU A 515 -40.93 -19.26 7.87
CA LEU A 515 -40.46 -18.13 8.71
C LEU A 515 -39.15 -18.48 9.41
N ASP A 516 -39.07 -19.65 10.04
CA ASP A 516 -37.88 -20.09 10.82
C ASP A 516 -36.78 -20.53 9.84
N VAL A 517 -37.15 -21.18 8.76
CA VAL A 517 -36.13 -21.72 7.81
C VAL A 517 -35.39 -20.57 7.10
N ALA A 518 -36.09 -19.69 6.39
CA ALA A 518 -35.48 -18.69 5.49
C ALA A 518 -35.94 -17.27 5.85
N GLY A 519 -37.06 -17.13 6.59
CA GLY A 519 -37.62 -15.78 6.80
C GLY A 519 -38.42 -15.27 5.61
N MSE A 520 -38.71 -16.19 4.66
CA MSE A 520 -39.43 -15.84 3.45
C MSE A 520 -39.86 -17.17 2.79
O MSE A 520 -39.44 -18.25 3.22
CB MSE A 520 -38.56 -15.04 2.47
CG MSE A 520 -37.30 -15.80 2.03
SE MSE A 520 -36.31 -15.04 0.49
CE MSE A 520 -37.72 -15.30 -0.89
N ARG A 521 -40.73 -17.08 1.77
CA ARG A 521 -41.20 -18.23 1.04
C ARG A 521 -40.02 -19.16 0.74
N VAL A 522 -40.21 -20.47 0.92
CA VAL A 522 -39.28 -21.51 0.44
C VAL A 522 -39.77 -22.10 -0.89
N GLN A 523 -38.90 -22.15 -1.90
CA GLN A 523 -39.23 -22.66 -3.24
C GLN A 523 -39.31 -24.18 -3.16
N ALA A 524 -38.30 -24.80 -2.51
CA ALA A 524 -38.25 -26.25 -2.43
C ALA A 524 -37.13 -26.64 -1.49
N VAL A 525 -36.98 -27.95 -1.25
CA VAL A 525 -35.94 -28.49 -0.34
C VAL A 525 -35.25 -29.65 -1.05
N SER A 526 -34.05 -29.96 -0.59
CA SER A 526 -33.25 -31.16 -0.88
C SER A 526 -33.94 -32.39 -0.33
N ILE A 527 -33.49 -33.57 -0.74
CA ILE A 527 -33.74 -34.83 0.03
C ILE A 527 -33.25 -34.61 1.45
N PRO A 528 -33.99 -34.97 2.52
CA PRO A 528 -33.45 -34.83 3.88
C PRO A 528 -32.31 -35.81 4.23
N MSE A 529 -31.36 -35.31 5.06
CA MSE A 529 -30.34 -36.17 5.60
CA MSE A 529 -30.25 -36.06 5.60
C MSE A 529 -30.36 -36.08 7.12
O MSE A 529 -31.23 -35.39 7.68
CB MSE A 529 -28.99 -35.92 4.89
CB MSE A 529 -28.92 -35.42 5.20
CG MSE A 529 -29.10 -36.20 3.37
CG MSE A 529 -27.85 -36.40 4.86
SE MSE A 529 -29.21 -38.16 3.08
SE MSE A 529 -27.67 -36.70 2.94
CE MSE A 529 -27.47 -38.39 3.74
CE MSE A 529 -27.35 -38.59 2.61
N PHE A 530 -29.51 -36.89 7.78
CA PHE A 530 -29.71 -37.16 9.20
C PHE A 530 -28.36 -37.28 9.96
N ASP A 531 -28.39 -37.32 11.30
CA ASP A 531 -27.18 -37.39 12.16
C ASP A 531 -26.87 -38.87 12.40
N GLY A 532 -27.18 -39.76 11.43
CA GLY A 532 -26.94 -41.20 11.60
C GLY A 532 -27.66 -41.97 10.52
N PRO A 533 -27.49 -43.30 10.48
CA PRO A 533 -28.11 -44.13 9.46
C PRO A 533 -29.63 -44.19 9.63
N THR A 534 -30.38 -44.21 8.53
CA THR A 534 -31.86 -44.35 8.49
C THR A 534 -32.25 -45.66 7.78
N THR A 535 -31.42 -46.72 7.95
CA THR A 535 -31.69 -48.07 7.44
C THR A 535 -33.16 -48.50 7.63
N GLY A 536 -33.86 -48.90 6.56
CA GLY A 536 -35.22 -49.44 6.60
C GLY A 536 -36.32 -48.35 6.74
N LEU A 537 -35.96 -47.07 6.77
CA LEU A 537 -36.98 -45.98 6.74
C LEU A 537 -37.24 -45.44 5.32
N GLN A 538 -38.51 -45.51 4.88
CA GLN A 538 -39.01 -44.84 3.68
C GLN A 538 -39.31 -43.41 4.11
N VAL A 539 -38.67 -42.43 3.47
CA VAL A 539 -38.74 -40.99 3.84
C VAL A 539 -39.38 -40.20 2.72
N TRP A 540 -40.40 -39.38 3.00
CA TRP A 540 -40.86 -38.38 2.01
C TRP A 540 -41.15 -37.04 2.72
N VAL A 541 -41.52 -36.04 1.95
CA VAL A 541 -41.82 -34.68 2.43
C VAL A 541 -43.27 -34.30 2.08
N GLU A 542 -44.00 -33.78 3.06
CA GLU A 542 -45.39 -33.27 2.88
C GLU A 542 -45.34 -31.74 3.12
N ALA A 543 -45.85 -30.98 2.16
CA ALA A 543 -46.03 -29.55 2.29
C ALA A 543 -47.14 -29.35 3.34
N THR A 544 -46.98 -28.32 4.15
CA THR A 544 -48.01 -27.94 5.15
C THR A 544 -48.57 -26.58 4.77
N SER A 545 -48.04 -25.91 3.74
CA SER A 545 -48.63 -24.67 3.16
C SER A 545 -48.10 -24.40 1.76
N ALA A 546 -48.70 -23.46 1.04
CA ALA A 546 -48.17 -23.06 -0.27
C ALA A 546 -46.80 -22.39 -0.17
N ASN A 547 -46.45 -21.84 0.96
CA ASN A 547 -45.25 -21.01 1.14
C ASN A 547 -44.01 -21.87 1.49
N GLY A 548 -44.08 -23.18 1.25
CA GLY A 548 -42.93 -24.10 1.39
C GLY A 548 -42.64 -24.53 2.81
N SER A 549 -43.56 -24.36 3.78
CA SER A 549 -43.47 -25.01 5.11
C SER A 549 -43.65 -26.51 4.91
N PHE A 550 -43.02 -27.38 5.69
CA PHE A 550 -43.06 -28.83 5.46
C PHE A 550 -42.86 -29.63 6.74
N VAL A 551 -43.24 -30.92 6.64
CA VAL A 551 -42.85 -31.99 7.60
C VAL A 551 -42.16 -33.08 6.78
N VAL A 552 -41.32 -33.86 7.46
CA VAL A 552 -40.72 -35.09 6.93
C VAL A 552 -41.43 -36.28 7.56
N VAL A 553 -41.76 -37.25 6.69
CA VAL A 553 -42.46 -38.51 7.10
C VAL A 553 -41.47 -39.65 6.94
N MSE A 554 -41.38 -40.47 8.00
CA MSE A 554 -40.45 -41.60 8.10
C MSE A 554 -41.26 -42.85 8.44
O MSE A 554 -41.72 -43.00 9.58
CB MSE A 554 -39.42 -41.26 9.19
CG MSE A 554 -38.98 -39.80 9.10
SE MSE A 554 -37.65 -39.25 10.50
CE MSE A 554 -36.22 -40.47 10.11
N LYS A 555 -41.31 -43.80 7.51
CA LYS A 555 -42.12 -45.01 7.64
C LYS A 555 -41.26 -46.28 7.71
N ASN A 556 -41.51 -47.12 8.69
CA ASN A 556 -40.87 -48.45 8.90
C ASN A 556 -41.25 -49.40 7.77
N ASP A 557 -40.36 -49.60 6.81
CA ASP A 557 -40.62 -50.46 5.62
C ASP A 557 -40.00 -51.85 5.81
N THR A 558 -39.58 -52.22 7.02
CA THR A 558 -38.81 -53.50 7.23
C THR A 558 -39.72 -54.69 7.56
N GLY A 559 -40.93 -54.46 8.05
CA GLY A 559 -41.80 -55.62 8.38
C GLY A 559 -41.58 -56.20 9.77
N SER A 560 -40.68 -55.64 10.58
CA SER A 560 -40.61 -55.90 12.03
C SER A 560 -40.16 -54.64 12.81
N GLU A 561 -40.16 -54.73 14.13
CA GLU A 561 -39.87 -53.58 15.01
C GLU A 561 -38.55 -52.92 14.59
N LEU A 562 -38.56 -51.60 14.47
CA LEU A 562 -37.35 -50.84 14.11
C LEU A 562 -37.03 -49.81 15.22
N VAL A 563 -35.89 -50.01 15.90
CA VAL A 563 -35.34 -49.03 16.89
C VAL A 563 -34.47 -48.03 16.11
N THR A 564 -35.00 -46.82 15.87
CA THR A 564 -34.22 -45.74 15.21
C THR A 564 -33.17 -45.13 16.16
N THR A 565 -32.13 -44.51 15.60
CA THR A 565 -31.01 -43.86 16.36
C THR A 565 -30.86 -42.37 16.03
N VAL A 566 -31.57 -41.86 15.03
CA VAL A 566 -31.32 -40.45 14.62
C VAL A 566 -32.06 -39.47 15.52
N THR A 567 -31.46 -38.32 15.72
CA THR A 567 -32.06 -37.24 16.56
C THR A 567 -32.10 -35.92 15.82
N ARG A 568 -31.48 -35.80 14.66
CA ARG A 568 -31.47 -34.54 13.88
C ARG A 568 -31.78 -34.84 12.42
N CYS A 569 -32.50 -33.91 11.80
CA CYS A 569 -32.76 -33.94 10.34
C CYS A 569 -32.24 -32.63 9.72
N ARG A 570 -31.83 -32.64 8.45
CA ARG A 570 -31.32 -31.42 7.80
C ARG A 570 -31.68 -31.44 6.31
N VAL A 571 -31.87 -30.22 5.79
CA VAL A 571 -32.06 -30.02 4.32
C VAL A 571 -31.22 -28.83 3.86
N ARG A 572 -31.00 -28.72 2.56
CA ARG A 572 -30.74 -27.45 1.92
C ARG A 572 -32.10 -26.91 1.45
N ALA A 573 -32.49 -25.71 1.88
CA ALA A 573 -33.75 -25.07 1.46
C ALA A 573 -33.50 -24.06 0.34
N PHE A 574 -34.25 -24.15 -0.76
CA PHE A 574 -34.00 -23.24 -1.90
C PHE A 574 -34.97 -22.07 -1.86
N VAL A 575 -34.49 -20.88 -2.17
CA VAL A 575 -35.36 -19.68 -2.13
C VAL A 575 -35.35 -19.00 -3.50
N SER A 576 -36.52 -18.52 -3.93
CA SER A 576 -36.57 -17.75 -5.18
C SER A 576 -37.11 -16.37 -4.81
N LYS A 577 -38.34 -16.08 -5.13
CA LYS A 577 -38.86 -14.75 -4.73
C LYS A 577 -40.24 -14.99 -4.11
N GLY A 578 -41.22 -14.19 -4.50
CA GLY A 578 -42.64 -14.34 -4.10
C GLY A 578 -42.84 -14.57 -2.61
#